data_1KC3
#
_entry.id   1KC3
#
_cell.length_a   47.980
_cell.length_b   72.261
_cell.length_c   82.682
_cell.angle_alpha   90.00
_cell.angle_beta   90.00
_cell.angle_gamma   90.00
#
_symmetry.space_group_name_H-M   'P 21 21 2'
#
loop_
_entity.id
_entity.type
_entity.pdbx_description
1 polymer 'dTDP-glucose oxidoreductase'
2 non-polymer 'MAGNESIUM ION'
3 non-polymer 'NADPH DIHYDRO-NICOTINAMIDE-ADENINE-DINUCLEOTIDE PHOSPHATE'
4 non-polymer "2'-DEOXY-THYMIDINE-BETA-L-RHAMNOSE"
5 water water
#
_entity_poly.entity_id   1
_entity_poly.type   'polypeptide(L)'
_entity_poly.pdbx_seq_one_letter_code
;MNILLFGKTGQVGWELQRSLAPVGNLIALDVHSKEFCGDFSNPKGVAETVRKLRPDVIVNAAAHTAVDKAESEPELAQLL
NATSVEAIAKAANETGAWVVHYSTDYVFPGTGDIPWQETDATSPLNVYGKTKLAGEKALQDNCPKHLIFRTSWVYAGKGN
NFAKTMLRLAKERQTLSVINDQYGAPTGAELLADCTAHAIRVALNKPEVAGLYHLVAGGTTTWHDYAALVFDEARKAGIT
LALTELNAVPTSAYPTPASRPGNSRLNTEKFQRNFDLILPQWELGVKRMLTEMFTTTTI
;
_entity_poly.pdbx_strand_id   A
#
loop_
_chem_comp.id
_chem_comp.type
_chem_comp.name
_chem_comp.formula
MG non-polymer 'MAGNESIUM ION' 'Mg 2'
NDP non-polymer 'NADPH DIHYDRO-NICOTINAMIDE-ADENINE-DINUCLEOTIDE PHOSPHATE' 'C21 H30 N7 O17 P3'
TRH non-polymer 2'-DEOXY-THYMIDINE-BETA-L-RHAMNOSE 'C16 H26 N2 O15 P2'
#
# COMPACT_ATOMS: atom_id res chain seq x y z
N MET A 1 23.07 10.81 3.96
CA MET A 1 21.93 11.47 3.30
C MET A 1 20.64 11.26 4.09
N ASN A 2 19.82 12.29 4.01
CA ASN A 2 18.60 12.42 4.80
C ASN A 2 17.33 11.91 4.15
N ILE A 3 16.70 11.03 4.88
CA ILE A 3 15.46 10.46 4.48
C ILE A 3 14.40 11.00 5.36
N LEU A 4 13.25 11.29 4.80
CA LEU A 4 12.11 11.82 5.60
C LEU A 4 10.89 10.95 5.46
N LEU A 5 10.34 10.50 6.57
CA LEU A 5 9.22 9.55 6.50
C LEU A 5 7.95 10.02 7.29
N PHE A 6 6.83 9.91 6.56
CA PHE A 6 5.44 10.13 6.98
C PHE A 6 4.64 8.80 6.92
N GLY A 7 3.74 8.62 7.90
CA GLY A 7 2.87 7.43 7.99
C GLY A 7 3.65 6.22 8.52
N LYS A 8 4.60 6.55 9.40
CA LYS A 8 5.52 5.60 10.03
C LYS A 8 4.89 4.53 10.87
N THR A 9 3.71 4.80 11.40
CA THR A 9 3.00 3.83 12.26
C THR A 9 2.06 2.93 11.51
N GLY A 10 1.80 3.18 10.24
CA GLY A 10 1.04 2.27 9.42
C GLY A 10 1.74 0.96 9.04
N GLN A 11 1.13 0.17 8.19
CA GLN A 11 1.62 -1.17 7.87
C GLN A 11 2.96 -1.07 7.21
N VAL A 12 2.87 -0.42 6.04
CA VAL A 12 4.05 -0.19 5.19
C VAL A 12 5.03 0.62 6.02
N GLY A 13 4.51 1.71 6.58
CA GLY A 13 5.28 2.68 7.32
C GLY A 13 6.13 2.18 8.40
N TRP A 14 5.58 1.34 9.22
CA TRP A 14 6.30 0.66 10.32
C TRP A 14 7.42 -0.16 9.72
N GLU A 15 7.20 -0.74 8.57
CA GLU A 15 8.27 -1.55 7.92
C GLU A 15 9.40 -0.70 7.25
N LEU A 16 9.01 0.47 6.83
CA LEU A 16 9.94 1.42 6.24
C LEU A 16 10.89 2.03 7.31
N GLN A 17 10.35 2.10 8.52
CA GLN A 17 11.19 2.45 9.66
C GLN A 17 12.36 1.56 9.78
N ARG A 18 12.13 0.26 9.65
CA ARG A 18 13.21 -0.80 9.58
C ARG A 18 14.04 -0.71 8.34
N SER A 19 13.39 -0.74 7.15
CA SER A 19 14.12 -0.79 5.84
C SER A 19 14.96 0.39 5.42
N LEU A 20 14.47 1.62 5.76
CA LEU A 20 15.20 2.88 5.47
C LEU A 20 16.29 3.19 6.47
N ALA A 21 16.19 2.63 7.65
CA ALA A 21 17.20 2.88 8.73
C ALA A 21 18.69 2.84 8.31
N PRO A 22 19.13 1.88 7.49
CA PRO A 22 20.51 1.88 6.98
C PRO A 22 20.70 2.64 5.64
N VAL A 23 19.62 2.87 4.92
CA VAL A 23 19.73 3.54 3.62
C VAL A 23 20.26 4.90 3.78
N GLY A 24 19.75 5.60 4.76
CA GLY A 24 20.21 6.96 5.11
C GLY A 24 19.66 7.41 6.46
N ASN A 25 20.15 8.58 6.90
CA ASN A 25 19.75 9.23 8.18
C ASN A 25 18.19 9.47 8.18
N LEU A 26 17.52 8.84 9.17
CA LEU A 26 16.03 8.71 9.18
C LEU A 26 15.30 9.55 10.26
N ILE A 27 14.44 10.43 9.76
CA ILE A 27 13.51 11.17 10.57
C ILE A 27 12.20 10.52 10.18
N ALA A 28 11.53 9.99 11.18
CA ALA A 28 10.25 9.27 11.00
C ALA A 28 9.19 9.99 11.85
N LEU A 29 8.09 10.38 11.19
CA LEU A 29 7.00 11.15 11.74
C LEU A 29 5.60 10.68 11.44
N ASP A 30 4.65 10.90 12.32
CA ASP A 30 3.18 10.63 12.05
C ASP A 30 2.19 11.84 12.40
N VAL A 31 0.87 11.63 12.27
CA VAL A 31 -0.19 12.60 12.61
C VAL A 31 0.13 13.31 13.91
N HIS A 32 0.33 12.48 14.93
CA HIS A 32 0.64 12.89 16.31
C HIS A 32 2.13 13.29 16.49
N SER A 33 2.84 13.69 15.43
CA SER A 33 4.22 14.17 15.60
C SER A 33 4.05 15.56 16.21
N LYS A 34 4.75 15.73 17.31
CA LYS A 34 4.62 16.84 18.25
C LYS A 34 5.67 17.96 18.06
N GLU A 35 6.95 17.58 17.88
CA GLU A 35 8.09 18.54 17.68
C GLU A 35 8.36 18.84 16.21
N PHE A 36 7.39 18.48 15.38
CA PHE A 36 7.53 18.38 13.92
C PHE A 36 6.22 17.89 13.23
N CYS A 37 5.77 18.62 12.22
CA CYS A 37 4.46 18.39 11.59
C CYS A 37 4.31 17.25 10.55
N GLY A 38 3.70 16.14 11.02
CA GLY A 38 3.38 14.94 10.19
C GLY A 38 1.86 14.74 9.97
N ASP A 39 1.12 15.88 10.02
CA ASP A 39 -0.39 15.95 9.87
C ASP A 39 -0.83 16.32 8.43
N PHE A 40 -1.14 15.29 7.65
CA PHE A 40 -1.58 15.36 6.23
C PHE A 40 -2.88 16.14 5.98
N SER A 41 -3.73 16.26 6.98
CA SER A 41 -4.92 17.16 6.86
C SER A 41 -4.54 18.66 6.89
N ASN A 42 -3.26 18.98 6.99
CA ASN A 42 -2.72 20.36 6.87
C ASN A 42 -1.62 20.29 5.77
N PRO A 43 -1.97 20.47 4.49
CA PRO A 43 -0.99 20.34 3.38
C PRO A 43 0.18 21.28 3.52
N LYS A 44 -0.15 22.50 3.93
CA LYS A 44 0.85 23.55 4.18
C LYS A 44 1.73 23.18 5.37
N GLY A 45 1.17 22.47 6.34
CA GLY A 45 1.93 22.01 7.49
C GLY A 45 3.01 20.98 7.10
N VAL A 46 2.57 19.89 6.46
CA VAL A 46 3.48 18.89 5.87
C VAL A 46 4.38 19.48 4.78
N ALA A 47 3.88 20.47 4.06
CA ALA A 47 4.74 21.19 3.11
C ALA A 47 5.86 21.91 3.91
N GLU A 48 5.49 22.56 5.03
CA GLU A 48 6.45 23.30 5.91
C GLU A 48 7.55 22.46 6.48
N THR A 49 7.24 21.24 6.90
CA THR A 49 8.29 20.31 7.41
C THR A 49 9.29 19.80 6.31
N VAL A 50 8.80 19.62 5.10
CA VAL A 50 9.63 19.23 3.96
C VAL A 50 10.63 20.37 3.73
N ARG A 51 10.09 21.54 3.46
CA ARG A 51 10.93 22.77 3.45
C ARG A 51 11.85 22.87 4.68
N LYS A 52 11.29 22.68 5.88
CA LYS A 52 12.03 22.79 7.22
C LYS A 52 13.26 21.84 7.44
N LEU A 53 13.08 20.58 7.05
CA LEU A 53 14.17 19.57 7.15
C LEU A 53 15.07 19.44 5.94
N ARG A 54 14.53 19.81 4.77
CA ARG A 54 15.29 19.73 3.47
C ARG A 54 15.77 18.29 3.13
N PRO A 55 14.88 17.29 3.16
CA PRO A 55 15.30 15.89 2.98
C PRO A 55 15.86 15.59 1.63
N ASP A 56 16.76 14.58 1.55
CA ASP A 56 17.30 14.16 0.27
C ASP A 56 16.27 13.30 -0.34
N VAL A 57 15.60 12.50 0.48
CA VAL A 57 14.53 11.57 0.05
C VAL A 57 13.39 11.64 1.05
N ILE A 58 12.18 11.60 0.48
CA ILE A 58 10.91 11.70 1.19
C ILE A 58 10.06 10.43 0.96
N VAL A 59 9.77 9.69 1.99
CA VAL A 59 8.94 8.53 1.75
C VAL A 59 7.57 8.82 2.33
N ASN A 60 6.53 8.87 1.52
CA ASN A 60 5.22 9.14 2.04
C ASN A 60 4.37 7.86 2.24
N ALA A 61 4.37 7.32 3.41
CA ALA A 61 3.52 6.15 3.73
C ALA A 61 2.25 6.63 4.40
N ALA A 62 2.16 7.91 4.73
CA ALA A 62 0.90 8.50 5.26
C ALA A 62 -0.11 8.55 4.16
N ALA A 63 -1.36 8.43 4.55
CA ALA A 63 -2.52 8.57 3.62
C ALA A 63 -3.90 8.53 4.30
N HIS A 64 -4.94 8.67 3.48
CA HIS A 64 -6.33 8.34 3.83
C HIS A 64 -6.53 7.07 2.98
N THR A 65 -6.82 5.98 3.68
CA THR A 65 -7.00 4.63 3.09
C THR A 65 -8.26 3.91 3.59
N ALA A 66 -9.15 4.66 4.22
CA ALA A 66 -10.44 4.17 4.75
C ALA A 66 -11.44 4.34 3.57
N VAL A 67 -11.33 3.39 2.64
CA VAL A 67 -11.98 3.37 1.28
C VAL A 67 -13.52 3.65 1.25
N ASP A 68 -14.27 2.90 2.06
CA ASP A 68 -15.77 3.04 2.21
C ASP A 68 -16.11 4.34 2.92
N LYS A 69 -15.40 4.59 4.03
CA LYS A 69 -15.50 5.89 4.76
C LYS A 69 -15.18 7.14 3.83
N ALA A 70 -14.20 6.99 2.95
CA ALA A 70 -13.83 8.02 1.94
C ALA A 70 -15.03 8.46 1.05
N GLU A 71 -15.90 7.53 0.67
CA GLU A 71 -17.10 7.85 -0.13
C GLU A 71 -18.00 8.82 0.63
N SER A 72 -18.06 8.60 1.95
CA SER A 72 -18.84 9.43 2.89
C SER A 72 -18.12 10.76 3.18
N GLU A 73 -16.79 10.69 3.29
CA GLU A 73 -15.90 11.83 3.62
C GLU A 73 -14.79 12.02 2.54
N PRO A 74 -15.18 12.40 1.32
CA PRO A 74 -14.26 12.44 0.17
C PRO A 74 -13.34 13.65 0.09
N GLU A 75 -13.89 14.79 0.46
CA GLU A 75 -13.18 16.07 0.49
C GLU A 75 -11.96 15.98 1.44
N LEU A 76 -12.09 15.17 2.49
CA LEU A 76 -10.98 14.84 3.42
C LEU A 76 -9.90 13.95 2.78
N ALA A 77 -10.36 12.91 2.08
CA ALA A 77 -9.46 12.02 1.29
C ALA A 77 -8.65 12.84 0.28
N GLN A 78 -9.34 13.76 -0.39
CA GLN A 78 -8.71 14.77 -1.30
C GLN A 78 -7.57 15.55 -0.58
N LEU A 79 -7.88 16.04 0.61
CA LEU A 79 -6.90 16.78 1.44
C LEU A 79 -5.60 15.97 1.73
N LEU A 80 -5.81 14.69 2.03
CA LEU A 80 -4.75 13.77 2.44
C LEU A 80 -4.02 13.18 1.27
N ASN A 81 -4.82 12.53 0.42
CA ASN A 81 -4.35 11.79 -0.79
C ASN A 81 -4.06 12.60 -2.07
N ALA A 82 -4.43 13.85 -2.11
CA ALA A 82 -4.17 14.68 -3.29
C ALA A 82 -3.47 15.99 -2.91
N THR A 83 -4.19 16.77 -2.09
CA THR A 83 -3.76 18.10 -1.69
C THR A 83 -2.41 18.10 -0.96
N SER A 84 -2.28 17.32 0.08
CA SER A 84 -1.03 17.28 0.87
C SER A 84 0.16 16.78 0.08
N VAL A 85 -0.09 15.75 -0.74
CA VAL A 85 0.89 15.17 -1.68
C VAL A 85 1.32 16.22 -2.71
N GLU A 86 0.32 16.89 -3.25
CA GLU A 86 0.60 17.94 -4.22
C GLU A 86 1.58 18.95 -3.59
N ALA A 87 1.24 19.37 -2.40
CA ALA A 87 2.03 20.35 -1.62
C ALA A 87 3.40 19.82 -1.33
N ILE A 88 3.42 18.62 -0.80
CA ILE A 88 4.69 17.87 -0.52
C ILE A 88 5.67 17.78 -1.73
N ALA A 89 5.08 17.54 -2.91
CA ALA A 89 5.79 17.37 -4.20
C ALA A 89 6.47 18.66 -4.63
N LYS A 90 5.64 19.70 -4.63
CA LYS A 90 6.03 21.07 -5.01
C LYS A 90 7.15 21.61 -4.09
N ALA A 91 7.15 21.18 -2.83
CA ALA A 91 8.18 21.56 -1.84
C ALA A 91 9.48 20.83 -2.15
N ALA A 92 9.33 19.54 -2.32
CA ALA A 92 10.41 18.61 -2.64
C ALA A 92 11.19 19.00 -3.88
N ASN A 93 10.46 19.45 -4.90
CA ASN A 93 11.04 19.87 -6.17
C ASN A 93 11.91 21.15 -6.10
N GLU A 94 11.70 21.95 -5.06
CA GLU A 94 12.51 23.17 -4.81
C GLU A 94 13.90 22.82 -4.29
N THR A 95 13.93 21.85 -3.40
CA THR A 95 15.17 21.28 -2.82
C THR A 95 15.79 20.16 -3.70
N GLY A 96 15.05 19.70 -4.70
CA GLY A 96 15.51 18.70 -5.68
C GLY A 96 15.49 17.29 -5.11
N ALA A 97 14.56 17.10 -4.19
CA ALA A 97 14.49 15.90 -3.40
C ALA A 97 13.63 14.84 -4.07
N TRP A 98 14.00 13.59 -3.87
CA TRP A 98 13.23 12.47 -4.36
C TRP A 98 11.99 12.34 -3.52
N VAL A 99 10.84 12.25 -4.17
CA VAL A 99 9.59 11.97 -3.49
C VAL A 99 9.17 10.54 -3.81
N VAL A 100 9.11 9.71 -2.76
CA VAL A 100 8.61 8.31 -2.83
C VAL A 100 7.21 8.33 -2.24
N HIS A 101 6.31 7.66 -2.94
CA HIS A 101 4.86 7.77 -2.71
C HIS A 101 4.12 6.51 -3.11
N TYR A 102 3.16 6.13 -2.28
CA TYR A 102 2.42 4.88 -2.51
C TYR A 102 0.99 5.24 -3.04
N SER A 103 0.59 4.41 -3.98
CA SER A 103 -0.66 4.54 -4.67
C SER A 103 -1.36 3.20 -4.77
N THR A 104 -2.47 3.18 -5.49
CA THR A 104 -3.31 2.00 -5.56
C THR A 104 -3.77 1.54 -6.92
N ASP A 105 -4.07 0.25 -7.00
CA ASP A 105 -4.73 -0.37 -8.14
C ASP A 105 -6.20 0.02 -8.30
N TYR A 106 -6.79 0.57 -7.26
CA TYR A 106 -8.22 1.05 -7.31
C TYR A 106 -8.39 2.24 -8.33
N VAL A 107 -7.22 2.79 -8.72
CA VAL A 107 -6.94 3.67 -9.91
C VAL A 107 -7.59 3.10 -11.18
N PHE A 108 -7.48 1.79 -11.33
CA PHE A 108 -8.06 1.04 -12.45
C PHE A 108 -9.58 0.72 -12.27
N PRO A 109 -10.31 0.52 -13.39
CA PRO A 109 -11.67 0.00 -13.31
C PRO A 109 -11.59 -1.53 -13.23
N GLY A 110 -12.72 -2.19 -13.08
CA GLY A 110 -12.78 -3.66 -13.05
C GLY A 110 -12.30 -4.29 -14.37
N THR A 111 -13.23 -4.72 -15.23
CA THR A 111 -12.99 -5.36 -16.57
C THR A 111 -11.79 -6.34 -16.56
N GLY A 112 -12.06 -7.54 -16.04
CA GLY A 112 -11.13 -8.66 -15.74
C GLY A 112 -10.15 -9.26 -16.76
N ASP A 113 -9.77 -10.51 -16.47
CA ASP A 113 -8.90 -11.35 -17.29
C ASP A 113 -7.42 -10.91 -17.34
N ILE A 114 -7.07 -10.09 -18.34
CA ILE A 114 -5.67 -9.72 -18.62
C ILE A 114 -5.15 -8.75 -17.53
N PRO A 115 -3.88 -8.91 -17.07
CA PRO A 115 -3.35 -8.13 -15.93
C PRO A 115 -2.88 -6.72 -16.34
N TRP A 116 -3.12 -5.81 -15.42
CA TRP A 116 -3.02 -4.37 -15.67
C TRP A 116 -1.62 -3.83 -15.74
N GLN A 117 -1.42 -2.92 -16.68
CA GLN A 117 -0.10 -2.33 -16.95
C GLN A 117 0.01 -0.84 -16.60
N GLU A 118 1.26 -0.38 -16.47
CA GLU A 118 1.66 1.01 -16.07
C GLU A 118 1.26 2.08 -17.09
N THR A 119 1.33 1.71 -18.36
CA THR A 119 0.84 2.58 -19.45
C THR A 119 -0.58 2.23 -19.92
N ASP A 120 -1.36 1.56 -19.08
CA ASP A 120 -2.76 1.29 -19.38
C ASP A 120 -3.59 2.46 -18.93
N ALA A 121 -4.80 2.50 -19.45
CA ALA A 121 -5.80 3.55 -19.15
C ALA A 121 -6.33 3.46 -17.70
N THR A 122 -6.56 4.63 -17.09
CA THR A 122 -7.11 4.78 -15.70
C THR A 122 -8.53 5.38 -15.57
N SER A 123 -9.42 4.56 -15.02
CA SER A 123 -10.85 4.90 -14.77
C SER A 123 -11.28 4.37 -13.38
N PRO A 124 -11.08 5.18 -12.34
CA PRO A 124 -11.42 4.77 -10.96
C PRO A 124 -12.92 4.56 -10.76
N LEU A 125 -13.25 3.35 -10.31
CA LEU A 125 -14.66 2.98 -9.98
C LEU A 125 -15.18 3.76 -8.75
N ASN A 126 -14.28 3.92 -7.79
CA ASN A 126 -14.57 4.54 -6.47
C ASN A 126 -13.83 5.88 -6.21
N VAL A 127 -14.11 6.48 -5.04
CA VAL A 127 -13.53 7.77 -4.58
C VAL A 127 -12.04 7.58 -4.24
N TYR A 128 -11.78 6.74 -3.25
CA TYR A 128 -10.38 6.38 -2.84
C TYR A 128 -9.36 6.39 -4.00
N GLY A 129 -9.73 5.68 -5.04
CA GLY A 129 -8.93 5.53 -6.25
C GLY A 129 -8.88 6.78 -7.10
N LYS A 130 -10.00 7.49 -7.20
CA LYS A 130 -10.15 8.78 -7.94
C LYS A 130 -9.25 9.84 -7.24
N THR A 131 -9.39 9.97 -5.92
CA THR A 131 -8.57 10.88 -5.09
C THR A 131 -7.06 10.57 -5.19
N LYS A 132 -6.70 9.31 -4.87
CA LYS A 132 -5.30 8.81 -4.97
C LYS A 132 -4.67 9.01 -6.37
N LEU A 133 -5.48 8.80 -7.41
CA LEU A 133 -5.05 9.03 -8.83
C LEU A 133 -4.72 10.50 -9.05
N ALA A 134 -5.47 11.35 -8.36
CA ALA A 134 -5.22 12.80 -8.46
C ALA A 134 -3.88 13.08 -7.83
N GLY A 135 -3.68 12.57 -6.61
CA GLY A 135 -2.38 12.67 -5.93
C GLY A 135 -1.18 12.24 -6.76
N GLU A 136 -1.28 11.13 -7.44
CA GLU A 136 -0.15 10.63 -8.26
C GLU A 136 0.06 11.44 -9.54
N LYS A 137 -1.03 12.04 -10.03
CA LYS A 137 -0.99 12.95 -11.18
C LYS A 137 -0.36 14.27 -10.69
N ALA A 138 -0.64 14.63 -9.45
CA ALA A 138 -0.25 15.95 -8.88
C ALA A 138 1.19 15.95 -8.56
N LEU A 139 1.62 14.80 -8.11
CA LEU A 139 3.02 14.56 -7.84
C LEU A 139 3.75 14.53 -9.17
N GLN A 140 3.23 13.71 -10.09
CA GLN A 140 3.79 13.59 -11.47
C GLN A 140 4.08 14.94 -12.06
N ASP A 141 3.15 15.86 -11.94
CA ASP A 141 3.26 17.24 -12.49
C ASP A 141 4.04 18.31 -11.69
N ASN A 142 4.27 18.12 -10.38
CA ASN A 142 5.07 19.11 -9.57
C ASN A 142 6.51 18.67 -9.28
N CYS A 143 6.79 17.37 -9.42
CA CYS A 143 8.11 16.81 -9.02
C CYS A 143 8.52 15.54 -9.84
N PRO A 144 9.20 15.70 -10.98
CA PRO A 144 9.51 14.56 -11.84
C PRO A 144 10.49 13.58 -11.23
N LYS A 145 11.33 14.06 -10.32
CA LYS A 145 12.23 13.23 -9.47
C LYS A 145 11.34 12.57 -8.37
N HIS A 146 10.44 11.72 -8.81
CA HIS A 146 9.46 10.98 -7.96
C HIS A 146 9.48 9.47 -8.21
N LEU A 147 9.01 8.72 -7.21
CA LEU A 147 8.87 7.27 -7.31
C LEU A 147 7.48 6.95 -6.84
N ILE A 148 6.65 6.43 -7.75
CA ILE A 148 5.26 6.05 -7.40
C ILE A 148 5.05 4.55 -7.48
N PHE A 149 4.65 3.98 -6.33
CA PHE A 149 4.42 2.55 -6.15
C PHE A 149 2.93 2.21 -5.91
N ARG A 150 2.30 1.84 -7.02
CA ARG A 150 0.95 1.33 -7.08
C ARG A 150 1.00 -0.11 -6.61
N THR A 151 0.33 -0.36 -5.51
CA THR A 151 0.28 -1.65 -4.90
C THR A 151 -1.18 -2.03 -4.62
N SER A 152 -1.32 -3.20 -4.04
CA SER A 152 -2.60 -3.74 -3.75
C SER A 152 -2.61 -4.78 -2.69
N TRP A 153 -3.77 -4.93 -2.08
CA TRP A 153 -4.11 -5.95 -1.03
C TRP A 153 -2.96 -6.06 -0.04
N VAL A 154 -2.72 -4.90 0.60
CA VAL A 154 -1.55 -4.69 1.45
C VAL A 154 -1.89 -5.17 2.83
N TYR A 155 -1.04 -6.04 3.35
CA TYR A 155 -1.17 -6.57 4.76
C TYR A 155 0.17 -6.40 5.41
N ALA A 156 0.15 -6.46 6.72
CA ALA A 156 1.33 -6.59 7.58
C ALA A 156 0.95 -7.20 8.91
N GLY A 157 1.93 -7.77 9.57
CA GLY A 157 1.74 -8.36 10.90
C GLY A 157 1.39 -7.44 12.06
N LYS A 158 1.61 -6.17 11.91
CA LYS A 158 1.29 -5.14 12.89
C LYS A 158 0.46 -4.08 12.08
N GLY A 159 -0.83 -4.09 12.30
CA GLY A 159 -1.71 -3.15 11.61
C GLY A 159 -2.82 -3.88 10.87
N ASN A 160 -4.00 -3.26 10.87
CA ASN A 160 -5.21 -3.91 10.32
C ASN A 160 -5.22 -4.18 8.80
N ASN A 161 -5.57 -5.43 8.48
CA ASN A 161 -5.63 -6.01 7.14
C ASN A 161 -6.72 -7.08 7.04
N PHE A 162 -6.95 -7.52 5.81
CA PHE A 162 -7.89 -8.60 5.49
C PHE A 162 -7.61 -9.91 6.26
N ALA A 163 -6.40 -10.40 6.25
CA ALA A 163 -6.06 -11.66 6.94
C ALA A 163 -6.27 -11.55 8.44
N LYS A 164 -6.00 -10.36 8.97
CA LYS A 164 -6.20 -10.02 10.40
C LYS A 164 -7.68 -10.09 10.79
N THR A 165 -8.48 -9.34 10.04
CA THR A 165 -9.93 -9.29 10.29
C THR A 165 -10.64 -10.61 9.96
N MET A 166 -10.17 -11.30 8.91
CA MET A 166 -10.71 -12.61 8.49
C MET A 166 -10.52 -13.71 9.53
N LEU A 167 -9.35 -13.72 10.13
CA LEU A 167 -9.00 -14.69 11.18
C LEU A 167 -9.81 -14.53 12.49
N ARG A 168 -10.00 -13.27 12.90
CA ARG A 168 -10.77 -12.89 14.12
C ARG A 168 -12.19 -13.51 14.07
N LEU A 169 -12.78 -13.37 12.88
CA LEU A 169 -14.09 -13.94 12.50
C LEU A 169 -14.10 -15.45 12.59
N ALA A 170 -13.13 -16.06 11.97
CA ALA A 170 -13.02 -17.52 11.88
C ALA A 170 -12.86 -18.24 13.21
N LYS A 171 -12.22 -17.58 14.18
CA LYS A 171 -12.00 -18.15 15.53
C LYS A 171 -13.27 -18.02 16.37
N GLU A 172 -13.95 -16.90 16.17
CA GLU A 172 -15.23 -16.64 16.83
C GLU A 172 -16.34 -17.50 16.23
N ARG A 173 -16.28 -17.70 14.91
CA ARG A 173 -17.42 -18.29 14.18
C ARG A 173 -17.34 -19.70 13.62
N GLN A 174 -18.53 -20.27 13.60
CA GLN A 174 -18.80 -21.62 13.11
C GLN A 174 -18.84 -21.52 11.57
N THR A 175 -19.85 -20.83 11.09
CA THR A 175 -20.18 -20.72 9.67
C THR A 175 -19.90 -19.29 9.18
N LEU A 176 -19.11 -19.20 8.11
CA LEU A 176 -18.57 -17.93 7.54
C LEU A 176 -18.75 -17.71 6.01
N SER A 177 -18.91 -16.43 5.60
CA SER A 177 -19.24 -16.01 4.19
C SER A 177 -18.44 -14.85 3.60
N VAL A 178 -17.72 -15.12 2.48
CA VAL A 178 -16.71 -14.20 1.75
C VAL A 178 -16.52 -14.37 0.17
N ILE A 179 -15.98 -13.33 -0.49
CA ILE A 179 -15.79 -13.22 -1.96
C ILE A 179 -14.77 -14.08 -2.74
N ASN A 180 -15.24 -14.72 -3.82
CA ASN A 180 -14.44 -15.58 -4.76
C ASN A 180 -14.26 -15.07 -6.23
N ASP A 181 -14.84 -13.92 -6.57
CA ASP A 181 -14.72 -13.40 -7.95
C ASP A 181 -13.63 -12.35 -8.14
N GLN A 182 -13.38 -11.55 -7.12
CA GLN A 182 -12.30 -10.51 -7.16
C GLN A 182 -10.90 -11.09 -7.21
N TYR A 183 -10.28 -11.00 -8.38
CA TYR A 183 -8.94 -11.51 -8.70
C TYR A 183 -7.87 -10.45 -8.37
N GLY A 184 -6.81 -10.87 -7.70
CA GLY A 184 -5.71 -9.96 -7.31
C GLY A 184 -4.54 -10.59 -6.57
N ALA A 185 -3.61 -9.77 -6.04
CA ALA A 185 -2.32 -10.25 -5.39
C ALA A 185 -1.93 -9.68 -4.05
N PRO A 186 -2.20 -10.34 -2.91
CA PRO A 186 -1.83 -9.82 -1.59
C PRO A 186 -0.35 -9.45 -1.46
N THR A 187 -0.05 -8.32 -0.84
CA THR A 187 1.31 -7.78 -0.90
C THR A 187 1.74 -7.26 0.42
N GLY A 188 2.89 -7.79 0.90
CA GLY A 188 3.27 -7.48 2.28
C GLY A 188 3.81 -6.12 2.52
N ALA A 189 3.63 -5.62 3.69
CA ALA A 189 4.37 -4.40 4.05
C ALA A 189 5.93 -4.63 3.90
N GLU A 190 6.37 -5.77 4.31
CA GLU A 190 7.76 -6.13 4.28
C GLU A 190 8.33 -5.97 2.91
N LEU A 191 7.66 -6.61 1.95
CA LEU A 191 8.08 -6.54 0.53
C LEU A 191 8.08 -5.08 0.06
N LEU A 192 6.96 -4.39 0.25
CA LEU A 192 6.87 -2.93 -0.11
C LEU A 192 8.09 -2.11 0.47
N ALA A 193 8.33 -2.32 1.74
CA ALA A 193 9.36 -1.56 2.38
C ALA A 193 10.78 -1.93 1.93
N ASP A 194 10.98 -3.18 1.60
CA ASP A 194 12.33 -3.71 1.26
C ASP A 194 12.75 -3.29 -0.13
N CYS A 195 11.84 -3.50 -1.05
CA CYS A 195 11.92 -2.96 -2.41
C CYS A 195 12.05 -1.46 -2.48
N THR A 196 11.36 -0.73 -1.56
CA THR A 196 11.45 0.74 -1.50
C THR A 196 12.86 1.16 -1.23
N ALA A 197 13.44 0.56 -0.24
CA ALA A 197 14.84 0.80 0.11
C ALA A 197 15.84 0.57 -1.05
N HIS A 198 15.62 -0.52 -1.81
CA HIS A 198 16.53 -0.89 -2.88
C HIS A 198 16.28 0.13 -4.02
N ALA A 199 15.00 0.33 -4.33
CA ALA A 199 14.61 1.32 -5.33
C ALA A 199 15.22 2.75 -5.15
N ILE A 200 15.31 3.20 -3.90
CA ILE A 200 15.83 4.52 -3.53
C ILE A 200 17.32 4.59 -3.93
N ARG A 201 18.04 3.58 -3.48
CA ARG A 201 19.46 3.47 -3.83
C ARG A 201 19.74 3.39 -5.32
N VAL A 202 18.86 2.81 -6.10
CA VAL A 202 18.98 2.79 -7.54
C VAL A 202 18.71 4.18 -8.08
N ALA A 203 17.59 4.75 -7.69
CA ALA A 203 17.18 6.12 -8.13
C ALA A 203 18.23 7.18 -7.88
N LEU A 204 18.88 7.15 -6.72
CA LEU A 204 19.91 8.15 -6.41
C LEU A 204 20.98 8.19 -7.48
N ASN A 205 21.56 7.01 -7.70
CA ASN A 205 22.55 6.73 -8.75
C ASN A 205 22.07 6.69 -10.22
N LYS A 206 20.80 6.55 -10.51
CA LYS A 206 20.19 6.51 -11.87
C LYS A 206 18.84 7.30 -11.88
N PRO A 207 18.84 8.62 -11.89
CA PRO A 207 17.55 9.36 -11.97
C PRO A 207 16.48 8.91 -13.02
N GLU A 208 16.96 8.27 -14.11
N GLU A 208 16.98 8.31 -14.12
CA GLU A 208 16.13 7.67 -15.23
CA GLU A 208 16.20 7.67 -15.20
C GLU A 208 14.96 6.78 -14.77
C GLU A 208 14.98 6.86 -14.71
N VAL A 209 15.19 6.04 -13.70
CA VAL A 209 14.11 5.21 -13.08
C VAL A 209 12.97 6.00 -12.44
N ALA A 210 13.13 7.30 -12.28
CA ALA A 210 12.00 8.14 -11.89
C ALA A 210 10.79 7.76 -12.76
N GLY A 211 9.64 7.71 -12.12
CA GLY A 211 8.42 7.31 -12.77
C GLY A 211 7.47 6.52 -11.88
N LEU A 212 6.62 5.75 -12.56
CA LEU A 212 5.48 5.02 -12.01
C LEU A 212 5.68 3.57 -12.21
N TYR A 213 5.51 2.84 -11.11
CA TYR A 213 5.76 1.39 -11.06
C TYR A 213 4.64 0.72 -10.36
N HIS A 214 4.22 -0.40 -10.92
CA HIS A 214 3.27 -1.31 -10.31
C HIS A 214 4.11 -2.25 -9.44
N LEU A 215 3.91 -2.14 -8.15
CA LEU A 215 4.67 -2.95 -7.19
C LEU A 215 3.75 -3.77 -6.27
N VAL A 216 3.61 -5.06 -6.61
CA VAL A 216 2.82 -6.03 -5.92
C VAL A 216 3.43 -7.40 -5.99
N ALA A 217 3.28 -8.16 -4.92
CA ALA A 217 3.71 -9.56 -4.84
C ALA A 217 3.25 -10.36 -6.07
N GLY A 218 4.00 -11.42 -6.32
CA GLY A 218 3.84 -12.27 -7.46
C GLY A 218 2.54 -13.07 -7.41
N GLY A 219 2.12 -13.46 -8.61
CA GLY A 219 0.95 -14.29 -8.85
C GLY A 219 -0.34 -13.55 -8.66
N THR A 220 -1.40 -14.35 -8.57
CA THR A 220 -2.77 -13.87 -8.28
C THR A 220 -3.66 -14.93 -7.51
N THR A 221 -4.73 -14.38 -6.95
CA THR A 221 -5.67 -15.11 -6.11
C THR A 221 -6.90 -14.31 -5.76
N THR A 222 -7.89 -15.05 -5.27
CA THR A 222 -9.18 -14.50 -4.83
C THR A 222 -9.16 -14.24 -3.35
N TRP A 223 -9.96 -13.28 -2.91
CA TRP A 223 -10.15 -13.01 -1.46
C TRP A 223 -10.59 -14.30 -0.73
N HIS A 224 -11.42 -15.11 -1.39
CA HIS A 224 -11.85 -16.41 -0.85
C HIS A 224 -10.67 -17.31 -0.59
N ASP A 225 -9.96 -17.69 -1.66
CA ASP A 225 -8.78 -18.57 -1.58
C ASP A 225 -7.66 -17.98 -0.74
N TYR A 226 -7.61 -16.67 -0.69
CA TYR A 226 -6.72 -15.93 0.23
C TYR A 226 -7.09 -16.37 1.65
N ALA A 227 -8.31 -16.08 2.04
CA ALA A 227 -8.89 -16.50 3.36
C ALA A 227 -8.81 -18.03 3.70
N ALA A 228 -9.02 -18.89 2.69
CA ALA A 228 -8.96 -20.36 2.86
C ALA A 228 -7.58 -20.74 3.34
N LEU A 229 -6.57 -20.35 2.55
CA LEU A 229 -5.12 -20.52 2.90
C LEU A 229 -4.77 -19.96 4.30
N VAL A 230 -5.35 -18.81 4.63
CA VAL A 230 -5.21 -18.19 5.96
C VAL A 230 -5.67 -19.17 7.04
N PHE A 231 -6.83 -19.81 6.80
CA PHE A 231 -7.39 -20.84 7.71
C PHE A 231 -6.51 -22.11 7.77
N ASP A 232 -6.14 -22.67 6.63
CA ASP A 232 -5.19 -23.81 6.57
C ASP A 232 -3.93 -23.55 7.44
N GLU A 233 -3.36 -22.36 7.32
CA GLU A 233 -2.20 -21.97 8.16
C GLU A 233 -2.55 -21.89 9.65
N ALA A 234 -3.72 -21.36 9.98
CA ALA A 234 -4.24 -21.31 11.38
C ALA A 234 -4.43 -22.72 11.90
N ARG A 235 -5.09 -23.52 11.06
CA ARG A 235 -5.31 -24.96 11.28
C ARG A 235 -3.95 -25.62 11.45
N LYS A 236 -3.07 -25.48 10.43
CA LYS A 236 -1.70 -26.03 10.42
C LYS A 236 -0.98 -25.75 11.76
N ALA A 237 -1.17 -24.55 12.31
CA ALA A 237 -0.59 -24.11 13.61
C ALA A 237 -1.40 -24.57 14.86
N GLY A 238 -2.08 -25.69 14.69
CA GLY A 238 -2.89 -26.35 15.72
C GLY A 238 -4.07 -25.62 16.37
N ILE A 239 -4.32 -24.38 15.94
CA ILE A 239 -5.35 -23.51 16.54
C ILE A 239 -6.74 -24.09 16.36
N THR A 240 -7.51 -24.17 17.47
CA THR A 240 -8.93 -24.58 17.41
C THR A 240 -9.68 -23.37 16.90
N LEU A 241 -9.85 -23.44 15.60
CA LEU A 241 -10.49 -22.43 14.82
C LEU A 241 -11.91 -22.90 14.73
N ALA A 242 -12.82 -22.14 15.34
CA ALA A 242 -14.29 -22.46 15.44
C ALA A 242 -14.96 -22.91 14.13
N LEU A 243 -14.44 -22.42 13.01
CA LEU A 243 -14.93 -22.72 11.64
C LEU A 243 -15.09 -24.20 11.24
N THR A 244 -16.33 -24.56 10.93
CA THR A 244 -16.73 -25.89 10.39
C THR A 244 -17.46 -25.84 9.02
N GLU A 245 -17.79 -24.65 8.53
CA GLU A 245 -18.51 -24.45 7.26
C GLU A 245 -18.09 -23.16 6.55
N LEU A 246 -17.05 -23.28 5.72
CA LEU A 246 -16.52 -22.15 4.92
C LEU A 246 -17.29 -21.96 3.59
N ASN A 247 -17.87 -20.76 3.40
CA ASN A 247 -18.74 -20.42 2.24
C ASN A 247 -18.26 -19.33 1.25
N ALA A 248 -17.98 -19.76 0.03
CA ALA A 248 -17.58 -18.89 -1.10
C ALA A 248 -18.78 -18.11 -1.70
N VAL A 249 -18.46 -17.02 -2.41
CA VAL A 249 -19.44 -16.04 -2.95
C VAL A 249 -18.94 -15.28 -4.22
N PRO A 250 -19.81 -14.85 -5.17
CA PRO A 250 -19.45 -13.82 -6.17
C PRO A 250 -19.91 -12.38 -5.80
N THR A 251 -18.93 -11.50 -5.57
CA THR A 251 -19.06 -10.06 -5.14
C THR A 251 -20.43 -9.54 -4.76
N SER A 252 -21.20 -9.31 -5.80
CA SER A 252 -22.46 -8.55 -5.77
C SER A 252 -23.55 -9.05 -4.80
N ALA A 253 -23.42 -10.30 -4.36
CA ALA A 253 -24.32 -10.90 -3.35
C ALA A 253 -24.27 -10.18 -1.98
N TYR A 254 -23.15 -9.52 -1.68
CA TYR A 254 -22.95 -8.73 -0.43
C TYR A 254 -22.46 -7.26 -0.66
N PRO A 255 -23.30 -6.27 -0.26
CA PRO A 255 -23.01 -4.85 -0.40
C PRO A 255 -21.80 -4.26 0.27
N THR A 256 -21.23 -3.31 -0.45
CA THR A 256 -20.14 -2.44 0.03
C THR A 256 -20.38 -0.96 -0.48
N PRO A 257 -20.26 0.11 0.35
CA PRO A 257 -20.55 1.49 -0.09
C PRO A 257 -19.81 1.94 -1.36
N ALA A 258 -18.53 1.69 -1.38
CA ALA A 258 -17.71 1.98 -2.56
C ALA A 258 -17.74 0.79 -3.52
N SER A 259 -17.61 1.09 -4.81
CA SER A 259 -17.46 0.05 -5.84
C SER A 259 -16.03 -0.50 -5.85
N ARG A 260 -15.88 -1.79 -5.55
CA ARG A 260 -14.58 -2.45 -5.65
C ARG A 260 -14.34 -2.89 -7.09
N PRO A 261 -13.10 -2.85 -7.59
CA PRO A 261 -12.80 -3.44 -8.90
C PRO A 261 -12.74 -4.96 -8.80
N GLY A 262 -13.15 -5.59 -9.89
CA GLY A 262 -13.11 -7.04 -10.06
C GLY A 262 -11.75 -7.53 -10.55
N ASN A 263 -11.06 -6.75 -11.39
CA ASN A 263 -9.72 -7.11 -11.90
C ASN A 263 -8.62 -6.26 -11.32
N SER A 264 -8.13 -6.73 -10.16
CA SER A 264 -6.98 -6.13 -9.42
C SER A 264 -5.62 -6.84 -9.68
N ARG A 265 -5.51 -7.57 -10.79
CA ARG A 265 -4.28 -8.22 -11.24
C ARG A 265 -3.36 -7.15 -11.84
N LEU A 266 -2.35 -6.73 -11.05
CA LEU A 266 -1.35 -5.76 -11.51
C LEU A 266 -0.16 -6.45 -12.12
N ASN A 267 0.32 -5.88 -13.21
CA ASN A 267 1.53 -6.36 -13.87
C ASN A 267 2.70 -5.53 -13.44
N THR A 268 3.73 -6.23 -12.93
CA THR A 268 4.95 -5.62 -12.36
C THR A 268 6.25 -5.82 -13.12
N GLU A 269 6.14 -6.35 -14.33
CA GLU A 269 7.30 -6.64 -15.24
C GLU A 269 8.28 -5.44 -15.41
N LYS A 270 7.74 -4.23 -15.33
CA LYS A 270 8.50 -2.97 -15.34
C LYS A 270 9.40 -2.83 -14.14
N PHE A 271 8.84 -3.02 -12.95
CA PHE A 271 9.62 -2.87 -11.69
C PHE A 271 10.80 -3.82 -11.67
N GLN A 272 10.55 -5.03 -12.09
CA GLN A 272 11.51 -6.11 -12.02
C GLN A 272 12.75 -5.77 -12.87
N ARG A 273 12.53 -5.43 -14.14
CA ARG A 273 13.67 -5.11 -14.98
C ARG A 273 14.29 -3.75 -14.59
N ASN A 274 13.49 -2.76 -14.28
CA ASN A 274 14.05 -1.45 -13.88
C ASN A 274 14.96 -1.43 -12.60
N PHE A 275 14.52 -2.08 -11.53
CA PHE A 275 15.27 -2.18 -10.27
C PHE A 275 16.14 -3.47 -10.03
N ASP A 276 16.06 -4.38 -10.98
CA ASP A 276 16.81 -5.67 -10.96
C ASP A 276 16.37 -6.49 -9.75
N LEU A 277 15.09 -6.43 -9.46
CA LEU A 277 14.54 -6.97 -8.25
C LEU A 277 13.57 -8.08 -8.53
N ILE A 278 13.49 -8.96 -7.55
CA ILE A 278 12.54 -10.08 -7.51
C ILE A 278 11.30 -9.74 -6.68
N LEU A 279 10.18 -10.31 -7.12
CA LEU A 279 8.82 -10.06 -6.55
C LEU A 279 8.16 -11.48 -6.42
N PRO A 280 8.41 -12.13 -5.26
CA PRO A 280 7.97 -13.51 -5.08
C PRO A 280 6.49 -13.73 -4.83
N GLN A 281 6.10 -14.98 -5.03
CA GLN A 281 4.73 -15.41 -4.96
C GLN A 281 4.11 -15.03 -3.63
N TRP A 282 2.87 -14.53 -3.74
CA TRP A 282 2.13 -13.82 -2.67
C TRP A 282 1.96 -14.63 -1.41
N GLU A 283 1.78 -15.94 -1.60
CA GLU A 283 1.62 -16.91 -0.51
C GLU A 283 2.76 -16.80 0.55
N LEU A 284 4.00 -16.86 0.08
CA LEU A 284 5.21 -16.88 0.90
C LEU A 284 5.19 -15.76 1.96
N GLY A 285 5.01 -14.55 1.44
CA GLY A 285 4.85 -13.34 2.26
C GLY A 285 3.79 -13.48 3.34
N VAL A 286 2.64 -14.03 2.96
CA VAL A 286 1.47 -14.27 3.84
C VAL A 286 1.74 -15.29 4.95
N LYS A 287 2.29 -16.43 4.53
CA LYS A 287 2.70 -17.49 5.47
C LYS A 287 3.72 -16.93 6.46
N ARG A 288 4.69 -16.21 5.97
CA ARG A 288 5.61 -15.53 6.89
C ARG A 288 4.88 -14.65 8.01
N MET A 289 3.93 -13.77 7.66
CA MET A 289 3.32 -12.90 8.72
C MET A 289 2.48 -13.75 9.68
N LEU A 290 1.80 -14.75 9.08
CA LEU A 290 0.99 -15.68 9.85
C LEU A 290 1.87 -16.49 10.83
N THR A 291 3.05 -16.96 10.43
CA THR A 291 3.90 -17.75 11.34
C THR A 291 4.29 -16.96 12.58
N GLU A 292 4.66 -15.71 12.34
CA GLU A 292 5.01 -14.73 13.38
C GLU A 292 3.87 -14.39 14.35
N MET A 293 2.67 -14.36 13.82
CA MET A 293 1.42 -14.13 14.60
C MET A 293 1.13 -15.34 15.49
N PHE A 294 1.13 -16.52 14.85
CA PHE A 294 0.99 -17.84 15.55
C PHE A 294 2.18 -18.26 16.43
N THR A 295 3.21 -17.45 16.54
CA THR A 295 4.20 -17.64 17.59
C THR A 295 3.66 -16.74 18.73
N THR A 296 2.77 -17.35 19.54
CA THR A 296 2.03 -16.71 20.66
C THR A 296 2.56 -17.08 22.07
N THR A 297 3.74 -16.55 22.35
CA THR A 297 4.27 -16.47 23.72
C THR A 297 5.24 -15.27 23.89
N THR A 298 5.02 -14.61 25.05
CA THR A 298 5.78 -13.48 25.65
C THR A 298 6.74 -13.98 26.77
MG MG B . 9.39 -8.14 11.33
PA NDP C . -2.23 2.35 6.60
O1A NDP C . -3.66 2.81 6.83
O2A NDP C . -1.73 1.28 7.54
O5B NDP C . -1.29 3.68 6.62
C5B NDP C . -1.63 5.00 6.22
C4B NDP C . -1.18 6.01 7.28
O4B NDP C . -1.80 7.28 7.15
C3B NDP C . -1.52 5.57 8.70
O3B NDP C . -0.35 5.70 9.48
C2B NDP C . -2.57 6.53 9.16
O2B NDP C . -2.73 6.47 10.61
C1B NDP C . -2.07 7.74 8.51
N9A NDP C . -3.03 8.80 8.54
C8A NDP C . -4.42 8.79 8.61
N7A NDP C . -4.84 10.05 8.63
C5A NDP C . -3.76 10.83 8.58
C6A NDP C . -3.63 12.21 8.56
N6A NDP C . -4.66 13.14 8.63
N1A NDP C . -2.34 12.71 8.51
C2A NDP C . -1.21 11.89 8.44
N3A NDP C . -1.33 10.53 8.45
C4A NDP C . -2.61 10.05 8.52
O3 NDP C . -2.14 2.05 5.07
PN NDP C . -0.93 1.20 4.49
O1N NDP C . 0.38 1.30 5.25
O2N NDP C . -1.51 -0.16 4.06
O5D NDP C . -0.60 1.83 3.04
C5D NDP C . 0.47 2.75 2.86
C4D NDP C . 0.51 3.41 1.52
O4D NDP C . 0.16 2.41 0.56
C3D NDP C . -0.46 4.60 1.33
O3D NDP C . -0.12 5.51 0.34
C2D NDP C . -1.65 3.91 0.80
O2D NDP C . -2.59 4.65 0.08
C1D NDP C . -0.97 2.90 -0.09
N1N NDP C . -1.89 1.71 -0.35
C2N NDP C . -2.37 0.80 0.66
C3N NDP C . -3.17 -0.26 0.44
C7N NDP C . -3.74 -1.27 1.41
O7N NDP C . -4.20 -2.37 1.04
N7N NDP C . -3.72 -0.99 2.75
C4N NDP C . -3.27 -0.60 -1.02
C5N NDP C . -3.06 0.48 -2.03
C6N NDP C . -2.28 1.48 -1.67
P2B NDP C . -4.06 6.35 11.58
O1X NDP C . -3.85 5.06 12.38
O2X NDP C . -5.30 6.25 10.73
O3X NDP C . -4.02 7.63 12.39
O4P TRH D . -9.61 -1.66 2.82
P2 TRH D . -10.33 -2.22 1.59
O3P TRH D . -11.10 -1.18 0.79
O1 TRH D . -9.31 -2.98 0.58
C1 TRH D . -8.48 -2.25 -0.29
C2 TRH D . -7.45 -3.17 -0.91
O2 TRH D . -6.50 -3.58 0.06
C3 TRH D . -6.84 -2.33 -2.02
O3 TRH D . -5.85 -2.98 -2.75
C4 TRH D . -6.30 -1.02 -1.47
O4 TRH D . -5.82 -0.29 -2.63
C5 TRH D . -7.19 -0.22 -0.47
O5 TRH D . -7.84 -1.16 0.38
C6 TRH D . -6.49 0.71 0.53
OPP TRH D . -11.24 -3.48 1.93
P TRH D . -10.63 -4.73 2.76
O1P TRH D . -10.99 -4.36 4.18
O2P TRH D . -9.24 -5.07 2.28
O5' TRH D . -11.51 -6.00 2.34
C5' TRH D . -11.33 -6.76 1.15
C4' TRH D . -12.51 -7.75 1.06
O4' TRH D . -13.18 -8.04 2.32
C3' TRH D . -13.67 -7.29 0.16
O3' TRH D . -13.45 -7.41 -1.26
C2' TRH D . -14.76 -8.20 0.68
C1' TRH D . -14.28 -8.86 1.98
N11 TRH D . -15.53 -8.98 2.78
C21 TRH D . -16.20 -10.17 2.77
O21 TRH D . -15.75 -11.14 2.18
N31 TRH D . -17.38 -10.38 3.36
C41 TRH D . -18.03 -9.40 4.01
O41 TRH D . -19.13 -9.60 4.58
C51 TRH D . -17.36 -8.06 4.04
C5A TRH D . -18.03 -6.91 4.73
C61 TRH D . -16.10 -7.92 3.39
#